data_4Z2H
#
_entry.id   4Z2H
#
_cell.length_a   97.997
_cell.length_b   97.997
_cell.length_c   196.970
_cell.angle_alpha   90.00
_cell.angle_beta   90.00
_cell.angle_gamma   90.00
#
_symmetry.space_group_name_H-M   'P 43 21 2'
#
loop_
_entity.id
_entity.type
_entity.pdbx_description
1 polymer 'Chitinase B'
2 non-polymer "(1R,2R,3R,6R,7S,8S,9R,10R,12R,13S,17S)-3-ethyl-2,10-dihydroxy-2,6,8,10,12,15,15,17-octamethyl-5-oxo-9-(prop-2-yn-1-yloxy)-4,14,16-trioxabicyclo[11.3.1]heptadec-7-yl {2-[N'-(methylcarbamoyl)carbamimidamido]ethyl}carbamate"
3 non-polymer GLYCEROL
4 non-polymer 'CHLORIDE ION'
5 water water
#
_entity_poly.entity_id   1
_entity_poly.type   'polypeptide(L)'
_entity_poly.pdbx_seq_one_letter_code
;DPSSRSTRKAVIGYYFIPTNQINNYTETDTSVVPFPVSNITPAKAKQLTHINFSFLDINSNLECAWDPATNDAKARDVVN
RLTALKAHNPSLRIMFSIGGWYYSNDLGVSHANYVNAVKTPAARTKFAQSCVRIMKDYGFDGVDIDWEYPQAAEVDGFIA
ALQEIRTLLNQQTIADGRQALPYQLTIAGAGGAFFLSRYYSKLAQIVAPLDYINLMTYDLAGPWEKITNHQAALFGDAAG
PTFYNALREANLGWSWEELTRAFPSPFSLTVDAAVQQHLMMEGVPSAKIVMGVPFYGRAFKGVSGGNGGQYSSHSTPGED
PYPNADYWLVGCDECVRDKDPRIASYRQLEQMLQGNYGYQRLWNDKTKTPYLYHAQNGLFVTYDDAESFKYKAKYIKQQQ
LGGVMFWHLGQDNRNGDLLAALDRYFNAADYDDSQLDMGTGLRYTGVGPGNLPIMTAPAYVPGTTYAQGALVSYQGYVWQ
TKWGYITSAPGSDSAWLKVGRLA
;
_entity_poly.pdbx_strand_id   A
#
loop_
_chem_comp.id
_chem_comp.type
_chem_comp.name
_chem_comp.formula
CL non-polymer 'CHLORIDE ION' 'Cl -1'
GOL non-polymer GLYCEROL 'C3 H8 O3'
M6A non-polymer '(1R,2R,3R,6R,7S,8S,9R,10R,12R,13S,17S)-3-ethyl-2,10-dihydroxy-2,6,8,10,12,15,15,17-octamethyl-5-oxo-9-(prop-2-yn-1-yloxy)-4,14,16-trioxabicyclo[11.3.1]heptadec-7-yl {2-[N'-(methylcarbamoyl)carbamimidamido]ethyl}carbamate' 'C33 H57 N5 O10'
#
# COMPACT_ATOMS: atom_id res chain seq x y z
N SER A 6 -12.05 -16.59 -10.71
CA SER A 6 -13.45 -16.13 -10.42
C SER A 6 -13.45 -14.94 -9.43
N THR A 7 -12.83 -15.10 -8.24
CA THR A 7 -12.96 -14.12 -7.12
C THR A 7 -12.73 -12.67 -7.55
N ARG A 8 -13.74 -11.83 -7.33
CA ARG A 8 -13.63 -10.41 -7.64
C ARG A 8 -12.44 -9.77 -6.90
N LYS A 9 -11.61 -9.05 -7.64
CA LYS A 9 -10.54 -8.27 -7.02
C LYS A 9 -11.11 -7.15 -6.14
N ALA A 10 -10.55 -7.00 -4.95
CA ALA A 10 -10.91 -5.84 -4.16
C ALA A 10 -10.48 -4.54 -4.85
N VAL A 11 -11.31 -3.51 -4.66
CA VAL A 11 -11.02 -2.16 -5.12
C VAL A 11 -11.39 -1.25 -3.98
N ILE A 12 -10.35 -0.75 -3.31
CA ILE A 12 -10.46 -0.12 -2.00
C ILE A 12 -10.04 1.35 -2.07
N GLY A 13 -10.99 2.26 -1.86
CA GLY A 13 -10.76 3.66 -2.04
C GLY A 13 -10.90 4.40 -0.75
N TYR A 14 -9.89 5.19 -0.39
CA TYR A 14 -10.02 6.06 0.75
C TYR A 14 -10.91 7.26 0.44
N TYR A 15 -11.82 7.52 1.38
CA TYR A 15 -12.58 8.75 1.41
C TYR A 15 -12.13 9.53 2.64
N PHE A 16 -11.47 10.65 2.41
CA PHE A 16 -10.98 11.46 3.51
C PHE A 16 -11.77 12.75 3.62
N ILE A 17 -12.14 13.14 4.82
CA ILE A 17 -12.79 14.43 4.99
C ILE A 17 -12.37 15.05 6.30
N PRO A 18 -11.88 16.29 6.26
CA PRO A 18 -11.42 16.90 7.52
C PRO A 18 -12.57 17.37 8.43
N THR A 19 -12.25 17.48 9.71
CA THR A 19 -13.24 17.75 10.76
C THR A 19 -14.03 19.03 10.40
N ASN A 20 -13.34 20.10 10.01
CA ASN A 20 -14.04 21.34 9.65
C ASN A 20 -15.03 21.15 8.50
N GLN A 21 -14.73 20.25 7.55
CA GLN A 21 -15.63 19.98 6.45
C GLN A 21 -16.81 19.14 6.90
N ILE A 22 -16.60 18.25 7.88
CA ILE A 22 -17.73 17.54 8.47
C ILE A 22 -18.67 18.55 9.17
N ASN A 23 -18.08 19.49 9.89
CA ASN A 23 -18.83 20.33 10.80
C ASN A 23 -19.58 21.37 9.99
N ASN A 24 -19.13 21.61 8.76
CA ASN A 24 -19.81 22.53 7.85
C ASN A 24 -20.32 21.80 6.63
N TYR A 25 -20.66 20.53 6.80
CA TYR A 25 -20.93 19.68 5.64
C TYR A 25 -21.98 20.29 4.74
N THR A 26 -21.78 20.14 3.43
CA THR A 26 -22.73 20.57 2.41
C THR A 26 -22.36 19.93 1.07
N GLU A 27 -23.35 19.60 0.26
CA GLU A 27 -23.11 19.04 -1.08
C GLU A 27 -23.21 20.09 -2.20
N THR A 28 -23.27 21.37 -1.86
CA THR A 28 -23.55 22.41 -2.86
C THR A 28 -22.60 23.58 -2.82
N ASP A 29 -21.40 23.39 -2.27
CA ASP A 29 -20.39 24.46 -2.24
C ASP A 29 -18.99 23.88 -2.09
N THR A 30 -18.32 23.72 -3.22
CA THR A 30 -17.06 23.03 -3.26
C THR A 30 -15.89 23.87 -2.73
N SER A 31 -16.17 25.12 -2.38
CA SER A 31 -15.16 25.92 -1.68
C SER A 31 -15.16 25.58 -0.19
N VAL A 32 -16.25 24.96 0.29
CA VAL A 32 -16.34 24.48 1.68
C VAL A 32 -16.04 22.97 1.76
N VAL A 33 -16.72 22.19 0.92
CA VAL A 33 -16.47 20.78 0.77
C VAL A 33 -16.25 20.46 -0.71
N PRO A 34 -14.98 20.30 -1.11
CA PRO A 34 -14.64 20.02 -2.52
C PRO A 34 -15.11 18.65 -3.01
N PHE A 35 -15.21 17.67 -2.12
CA PHE A 35 -15.54 16.33 -2.54
C PHE A 35 -16.59 15.67 -1.62
N PRO A 36 -17.85 16.13 -1.72
CA PRO A 36 -18.95 15.55 -0.97
C PRO A 36 -19.24 14.17 -1.41
N VAL A 37 -20.00 13.46 -0.60
CA VAL A 37 -20.36 12.07 -0.89
C VAL A 37 -21.13 11.91 -2.21
N SER A 38 -21.90 12.92 -2.55
CA SER A 38 -22.73 12.90 -3.74
C SER A 38 -21.88 12.83 -5.00
N ASN A 39 -20.59 13.13 -4.90
CA ASN A 39 -19.70 12.92 -6.04
C ASN A 39 -19.41 11.46 -6.30
N ILE A 40 -19.64 10.61 -5.31
CA ILE A 40 -19.55 9.18 -5.50
C ILE A 40 -20.86 8.71 -6.02
N THR A 41 -20.99 8.71 -7.35
CA THR A 41 -22.22 8.32 -8.00
C THR A 41 -22.42 6.82 -7.91
N PRO A 42 -23.65 6.36 -8.23
CA PRO A 42 -24.00 4.96 -8.33
C PRO A 42 -23.01 4.16 -9.14
N ALA A 43 -22.62 4.70 -10.29
CA ALA A 43 -21.68 4.01 -11.16
C ALA A 43 -20.31 3.84 -10.45
N LYS A 44 -19.88 4.84 -9.69
CA LYS A 44 -18.61 4.74 -8.95
C LYS A 44 -18.73 3.76 -7.82
N ALA A 45 -19.90 3.81 -7.20
CA ALA A 45 -20.23 2.92 -6.12
C ALA A 45 -20.15 1.45 -6.56
N LYS A 46 -20.56 1.15 -7.79
CA LYS A 46 -20.48 -0.22 -8.27
C LYS A 46 -19.06 -0.65 -8.54
N GLN A 47 -18.17 0.30 -8.82
CA GLN A 47 -16.81 -0.02 -9.18
C GLN A 47 -15.93 -0.25 -7.97
N LEU A 48 -16.39 0.19 -6.81
CA LEU A 48 -15.69 0.02 -5.55
C LEU A 48 -16.13 -1.23 -4.83
N THR A 49 -15.22 -1.90 -4.11
CA THR A 49 -15.64 -2.92 -3.16
C THR A 49 -15.59 -2.42 -1.74
N HIS A 50 -14.73 -1.44 -1.48
CA HIS A 50 -14.61 -0.86 -0.13
C HIS A 50 -14.33 0.65 -0.24
N ILE A 51 -14.93 1.40 0.67
CA ILE A 51 -14.54 2.75 0.88
C ILE A 51 -14.03 2.85 2.33
N ASN A 52 -12.81 3.32 2.49
CA ASN A 52 -12.24 3.54 3.80
C ASN A 52 -12.52 5.00 4.21
N PHE A 53 -13.52 5.19 5.05
CA PHE A 53 -13.75 6.50 5.68
C PHE A 53 -12.62 6.79 6.63
N SER A 54 -12.07 7.99 6.49
CA SER A 54 -10.87 8.34 7.24
C SER A 54 -10.92 9.80 7.67
N PHE A 55 -10.39 10.15 8.86
CA PHE A 55 -9.72 9.27 9.81
C PHE A 55 -10.34 9.44 11.20
N LEU A 56 -10.54 8.32 11.90
CA LEU A 56 -10.70 8.38 13.33
C LEU A 56 -9.34 8.25 14.03
N ASP A 57 -9.33 8.31 15.35
CA ASP A 57 -8.12 8.39 16.10
C ASP A 57 -8.20 7.47 17.30
N ILE A 58 -7.12 7.40 18.07
CA ILE A 58 -7.14 6.88 19.43
C ILE A 58 -6.86 8.04 20.40
N ASN A 59 -7.81 8.31 21.29
CA ASN A 59 -7.73 9.41 22.24
C ASN A 59 -6.92 9.00 23.49
N SER A 60 -6.83 9.89 24.48
CA SER A 60 -5.93 9.66 25.64
C SER A 60 -6.56 8.68 26.62
N ASN A 61 -7.84 8.40 26.44
CA ASN A 61 -8.47 7.28 27.14
C ASN A 61 -8.15 5.91 26.50
N LEU A 62 -7.34 5.95 25.44
CA LEU A 62 -6.88 4.76 24.71
C LEU A 62 -8.04 3.98 24.12
N GLU A 63 -8.97 4.74 23.58
CA GLU A 63 -10.07 4.18 22.83
C GLU A 63 -10.10 4.81 21.47
N CYS A 64 -10.64 4.07 20.51
CA CYS A 64 -11.05 4.61 19.23
C CYS A 64 -12.06 5.74 19.39
N ALA A 65 -11.81 6.87 18.76
CA ALA A 65 -12.68 8.02 18.90
C ALA A 65 -12.54 8.96 17.72
N TRP A 66 -13.66 9.59 17.38
CA TRP A 66 -13.65 10.79 16.56
C TRP A 66 -12.87 11.87 17.25
N ASP A 67 -12.21 12.70 16.43
CA ASP A 67 -11.72 14.00 16.84
C ASP A 67 -12.77 14.69 17.71
N PRO A 68 -12.39 15.06 18.93
CA PRO A 68 -13.38 15.58 19.88
C PRO A 68 -14.01 16.91 19.41
N ALA A 69 -13.37 17.63 18.51
CA ALA A 69 -13.96 18.82 17.90
C ALA A 69 -15.08 18.50 16.87
N THR A 70 -15.40 17.23 16.69
CA THR A 70 -16.30 16.83 15.61
C THR A 70 -17.72 17.04 16.07
N ASN A 71 -18.55 17.67 15.26
CA ASN A 71 -20.00 17.66 15.48
C ASN A 71 -20.57 16.30 15.20
N ASP A 72 -21.05 15.63 16.24
CA ASP A 72 -21.49 14.26 16.11
C ASP A 72 -22.68 14.03 15.17
N ALA A 73 -23.64 14.93 15.16
CA ALA A 73 -24.82 14.70 14.29
C ALA A 73 -24.46 14.87 12.80
N LYS A 74 -23.52 15.77 12.51
CA LYS A 74 -23.06 15.95 11.15
C LYS A 74 -22.16 14.77 10.76
N ALA A 75 -21.35 14.27 11.68
CA ALA A 75 -20.56 13.09 11.39
C ALA A 75 -21.48 11.95 11.01
N ARG A 76 -22.55 11.74 11.76
CA ARG A 76 -23.46 10.63 11.43
C ARG A 76 -24.06 10.81 10.05
N ASP A 77 -24.40 12.04 9.74
CA ASP A 77 -25.11 12.33 8.51
C ASP A 77 -24.19 12.03 7.31
N VAL A 78 -22.91 12.36 7.44
CA VAL A 78 -21.92 12.07 6.40
C VAL A 78 -21.74 10.59 6.25
N VAL A 79 -21.64 9.88 7.35
CA VAL A 79 -21.44 8.45 7.31
C VAL A 79 -22.70 7.77 6.76
N ASN A 80 -23.86 8.27 7.16
CA ASN A 80 -25.12 7.77 6.58
C ASN A 80 -25.21 7.92 5.05
N ARG A 81 -24.70 9.03 4.54
CA ARG A 81 -24.65 9.19 3.11
C ARG A 81 -23.81 8.12 2.41
N LEU A 82 -22.69 7.74 3.02
CA LEU A 82 -21.83 6.69 2.46
C LEU A 82 -22.48 5.32 2.55
N THR A 83 -23.08 5.00 3.68
CA THR A 83 -23.69 3.69 3.78
C THR A 83 -24.93 3.59 2.90
N ALA A 84 -25.60 4.71 2.62
CA ALA A 84 -26.74 4.65 1.66
C ALA A 84 -26.29 4.12 0.29
N LEU A 85 -25.01 4.30 -0.05
CA LEU A 85 -24.46 3.80 -1.33
C LEU A 85 -24.55 2.32 -1.47
N LYS A 86 -24.59 1.61 -0.34
CA LYS A 86 -24.69 0.16 -0.38
C LYS A 86 -25.95 -0.32 -1.08
N ALA A 87 -26.97 0.55 -1.14
CA ALA A 87 -28.21 0.22 -1.90
C ALA A 87 -27.93 -0.06 -3.40
N HIS A 88 -26.89 0.56 -3.96
CA HIS A 88 -26.51 0.32 -5.38
C HIS A 88 -25.52 -0.82 -5.59
N ASN A 89 -25.05 -1.44 -4.50
CA ASN A 89 -23.99 -2.43 -4.63
C ASN A 89 -23.87 -3.24 -3.36
N PRO A 90 -24.48 -4.44 -3.36
CA PRO A 90 -24.54 -5.32 -2.19
C PRO A 90 -23.19 -5.97 -1.84
N SER A 91 -22.16 -5.71 -2.62
CA SER A 91 -20.80 -6.12 -2.24
C SER A 91 -20.05 -5.02 -1.52
N LEU A 92 -20.59 -3.82 -1.53
CA LEU A 92 -19.81 -2.66 -1.09
C LEU A 92 -19.73 -2.59 0.44
N ARG A 93 -18.56 -2.24 0.97
CA ARG A 93 -18.40 -1.96 2.41
C ARG A 93 -17.90 -0.56 2.67
N ILE A 94 -18.45 0.08 3.69
CA ILE A 94 -17.91 1.30 4.22
C ILE A 94 -17.13 0.98 5.52
N MET A 95 -15.82 0.82 5.36
CA MET A 95 -14.90 0.64 6.46
C MET A 95 -14.69 1.99 7.06
N PHE A 96 -14.21 2.02 8.29
CA PHE A 96 -13.54 3.22 8.78
C PHE A 96 -12.10 2.92 9.16
N SER A 97 -11.33 3.99 9.11
CA SER A 97 -9.89 3.92 9.26
C SER A 97 -9.40 4.70 10.48
N ILE A 98 -8.64 4.03 11.33
CA ILE A 98 -8.05 4.62 12.51
C ILE A 98 -6.59 4.92 12.27
N GLY A 99 -6.23 6.18 12.44
CA GLY A 99 -4.82 6.56 12.38
C GLY A 99 -4.56 7.59 11.29
N GLY A 100 -3.81 7.18 10.28
CA GLY A 100 -3.24 8.11 9.34
C GLY A 100 -1.90 8.65 9.81
N TRP A 101 -1.17 9.26 8.87
CA TRP A 101 0.16 9.82 9.15
C TRP A 101 0.06 10.89 10.23
N TYR A 102 -0.92 11.78 10.12
CA TYR A 102 -0.95 12.94 11.01
C TYR A 102 -1.12 12.55 12.47
N TYR A 103 -2.07 11.67 12.73
CA TYR A 103 -2.30 11.17 14.08
C TYR A 103 -1.20 10.24 14.60
N SER A 104 -0.64 9.39 13.74
CA SER A 104 0.07 8.18 14.18
C SER A 104 1.54 8.06 13.86
N ASN A 105 2.10 9.02 13.14
CA ASN A 105 3.50 8.90 12.79
C ASN A 105 4.31 9.07 14.04
N ASP A 106 5.58 8.72 14.00
CA ASP A 106 6.42 8.72 15.24
C ASP A 106 6.36 10.05 15.97
N LEU A 107 6.20 11.17 15.24
CA LEU A 107 6.13 12.49 15.88
C LEU A 107 4.70 13.04 15.85
N GLY A 108 3.73 12.18 15.57
CA GLY A 108 2.35 12.60 15.41
C GLY A 108 1.69 12.96 16.72
N VAL A 109 0.60 13.71 16.63
CA VAL A 109 -0.01 14.29 17.82
C VAL A 109 -0.64 13.25 18.75
N SER A 110 -1.05 12.10 18.23
CA SER A 110 -1.69 11.08 19.05
C SER A 110 -0.77 9.87 19.26
N HIS A 111 0.50 9.99 18.89
CA HIS A 111 1.33 8.77 18.74
C HIS A 111 1.32 7.89 19.97
N ALA A 112 1.38 8.51 21.15
CA ALA A 112 1.61 7.80 22.40
C ALA A 112 0.38 6.92 22.72
N ASN A 113 -0.79 7.40 22.30
CA ASN A 113 -2.05 6.65 22.41
C ASN A 113 -2.03 5.33 21.65
N TYR A 114 -1.36 5.28 20.51
CA TYR A 114 -1.28 4.05 19.71
C TYR A 114 -0.40 3.04 20.47
N VAL A 115 0.77 3.52 20.92
CA VAL A 115 1.73 2.75 21.68
C VAL A 115 1.05 2.20 22.96
N ASN A 116 0.30 3.07 23.66
CA ASN A 116 -0.28 2.66 24.94
C ASN A 116 -1.52 1.79 24.79
N ALA A 117 -2.32 2.04 23.74
CA ALA A 117 -3.52 1.26 23.50
C ALA A 117 -3.24 -0.20 23.23
N VAL A 118 -2.05 -0.55 22.75
CA VAL A 118 -1.79 -1.93 22.41
C VAL A 118 -0.81 -2.59 23.39
N LYS A 119 -0.51 -1.89 24.46
CA LYS A 119 0.62 -2.22 25.30
C LYS A 119 0.38 -3.40 26.26
N THR A 120 -0.84 -3.48 26.80
CA THR A 120 -1.16 -4.53 27.77
C THR A 120 -2.44 -5.25 27.40
N PRO A 121 -2.67 -6.43 28.02
CA PRO A 121 -3.86 -7.17 27.66
C PRO A 121 -5.12 -6.37 27.90
N ALA A 122 -5.22 -5.75 29.07
CA ALA A 122 -6.39 -4.96 29.39
C ALA A 122 -6.54 -3.72 28.52
N ALA A 123 -5.41 -3.07 28.19
CA ALA A 123 -5.49 -1.93 27.28
C ALA A 123 -6.00 -2.38 25.90
N ARG A 124 -5.52 -3.51 25.42
CA ARG A 124 -6.01 -4.03 24.14
C ARG A 124 -7.50 -4.38 24.17
N THR A 125 -7.97 -4.88 25.30
CA THR A 125 -9.40 -5.31 25.40
C THR A 125 -10.29 -4.10 25.31
N LYS A 126 -9.89 -3.04 25.99
CA LYS A 126 -10.62 -1.78 25.96
C LYS A 126 -10.59 -1.14 24.55
N PHE A 127 -9.41 -1.14 23.94
CA PHE A 127 -9.28 -0.56 22.61
C PHE A 127 -10.07 -1.37 21.57
N ALA A 128 -9.86 -2.69 21.57
CA ALA A 128 -10.61 -3.55 20.65
C ALA A 128 -12.11 -3.34 20.77
N GLN A 129 -12.61 -3.33 22.00
CA GLN A 129 -14.03 -3.05 22.22
C GLN A 129 -14.47 -1.72 21.65
N SER A 130 -13.65 -0.67 21.83
CA SER A 130 -14.06 0.66 21.34
C SER A 130 -14.15 0.63 19.81
N CYS A 131 -13.27 -0.11 19.15
CA CYS A 131 -13.35 -0.27 17.70
C CYS A 131 -14.67 -0.87 17.25
N VAL A 132 -15.09 -1.98 17.85
CA VAL A 132 -16.31 -2.60 17.39
C VAL A 132 -17.53 -1.77 17.78
N ARG A 133 -17.45 -1.10 18.94
CA ARG A 133 -18.55 -0.26 19.36
C ARG A 133 -18.76 0.93 18.38
N ILE A 134 -17.66 1.59 17.99
CA ILE A 134 -17.74 2.64 17.00
C ILE A 134 -18.29 2.09 15.67
N MET A 135 -17.78 0.95 15.23
CA MET A 135 -18.28 0.39 13.99
C MET A 135 -19.81 0.23 14.02
N LYS A 136 -20.32 -0.39 15.09
CA LYS A 136 -21.75 -0.66 15.24
C LYS A 136 -22.58 0.62 15.42
N ASP A 137 -22.07 1.58 16.17
CA ASP A 137 -22.83 2.77 16.47
C ASP A 137 -23.01 3.66 15.22
N TYR A 138 -22.02 3.70 14.33
CA TYR A 138 -22.09 4.59 13.17
C TYR A 138 -22.52 3.91 11.87
N GLY A 139 -22.54 2.57 11.89
CA GLY A 139 -23.01 1.79 10.75
C GLY A 139 -21.91 1.36 9.78
N PHE A 140 -20.66 1.33 10.26
CA PHE A 140 -19.54 0.93 9.41
C PHE A 140 -19.53 -0.57 9.21
N ASP A 141 -18.80 -1.04 8.20
CA ASP A 141 -18.80 -2.45 7.82
C ASP A 141 -17.51 -3.19 8.15
N GLY A 142 -16.65 -2.55 8.92
CA GLY A 142 -15.28 -3.04 9.10
C GLY A 142 -14.31 -2.01 9.63
N VAL A 143 -13.16 -2.49 10.10
CA VAL A 143 -12.16 -1.65 10.75
C VAL A 143 -10.85 -1.71 9.96
N ASP A 144 -10.30 -0.55 9.64
CA ASP A 144 -8.98 -0.44 9.01
C ASP A 144 -8.04 0.29 9.96
N ILE A 145 -6.79 -0.19 10.07
CA ILE A 145 -5.84 0.49 10.93
C ILE A 145 -4.69 0.99 10.09
N ASP A 146 -4.43 2.28 10.18
CA ASP A 146 -3.40 2.96 9.39
C ASP A 146 -2.43 3.64 10.36
N TRP A 147 -1.80 2.83 11.19
CA TRP A 147 -0.74 3.31 12.08
C TRP A 147 0.59 3.31 11.32
N GLU A 148 1.15 4.50 11.11
CA GLU A 148 2.37 4.60 10.34
C GLU A 148 3.58 5.02 11.19
N TYR A 149 4.26 4.13 11.94
CA TYR A 149 4.14 2.67 11.93
C TYR A 149 4.51 2.12 13.33
N PRO A 150 3.89 0.98 13.74
CA PRO A 150 4.36 0.40 15.00
C PRO A 150 5.81 0.03 14.87
N GLN A 151 6.57 0.12 15.95
CA GLN A 151 7.91 -0.37 15.81
C GLN A 151 8.37 -1.31 16.84
N ALA A 152 9.33 -2.14 16.45
CA ALA A 152 10.12 -2.92 17.42
C ALA A 152 9.25 -3.64 18.44
N ALA A 153 9.24 -3.00 19.58
CA ALA A 153 8.73 -3.49 20.82
C ALA A 153 7.24 -3.42 20.81
N GLU A 154 6.67 -2.63 19.91
CA GLU A 154 5.22 -2.40 19.85
C GLU A 154 4.51 -3.47 19.03
N VAL A 155 5.29 -4.27 18.30
CA VAL A 155 4.75 -5.10 17.26
C VAL A 155 3.92 -6.27 17.85
N ASP A 156 4.43 -6.89 18.91
CA ASP A 156 3.69 -7.94 19.60
C ASP A 156 2.36 -7.44 20.17
N GLY A 157 2.36 -6.21 20.67
CA GLY A 157 1.14 -5.59 21.17
C GLY A 157 0.17 -5.39 20.01
N PHE A 158 0.68 -4.90 18.88
CA PHE A 158 -0.14 -4.57 17.70
C PHE A 158 -0.81 -5.84 17.18
N ILE A 159 -0.01 -6.88 17.06
CA ILE A 159 -0.47 -8.19 16.64
C ILE A 159 -1.60 -8.71 17.54
N ALA A 160 -1.37 -8.70 18.85
CA ALA A 160 -2.39 -9.04 19.83
C ALA A 160 -3.64 -8.16 19.76
N ALA A 161 -3.49 -6.88 19.45
CA ALA A 161 -4.65 -6.02 19.29
C ALA A 161 -5.48 -6.42 18.07
N LEU A 162 -4.80 -6.70 16.96
CA LEU A 162 -5.49 -7.18 15.78
C LEU A 162 -6.23 -8.52 16.01
N GLN A 163 -5.58 -9.47 16.71
CA GLN A 163 -6.20 -10.77 16.99
C GLN A 163 -7.46 -10.54 17.81
N GLU A 164 -7.40 -9.66 18.80
CA GLU A 164 -8.55 -9.39 19.59
C GLU A 164 -9.68 -8.67 18.84
N ILE A 165 -9.35 -7.73 17.96
CA ILE A 165 -10.37 -7.09 17.16
C ILE A 165 -11.04 -8.12 16.25
N ARG A 166 -10.23 -8.97 15.63
CA ARG A 166 -10.75 -10.05 14.79
C ARG A 166 -11.84 -10.87 15.53
N THR A 167 -11.52 -11.42 16.70
CA THR A 167 -12.50 -12.19 17.44
C THR A 167 -13.77 -11.36 17.67
N LEU A 168 -13.62 -10.09 18.03
CA LEU A 168 -14.80 -9.28 18.36
C LEU A 168 -15.65 -8.99 17.11
N LEU A 169 -14.97 -8.78 15.99
CA LEU A 169 -15.64 -8.68 14.69
C LEU A 169 -16.37 -9.95 14.33
N ASN A 170 -15.76 -11.11 14.56
CA ASN A 170 -16.43 -12.36 14.26
C ASN A 170 -17.69 -12.58 15.13
N GLN A 171 -17.67 -12.13 16.37
CA GLN A 171 -18.85 -12.23 17.21
C GLN A 171 -19.96 -11.38 16.62
N GLN A 172 -19.60 -10.15 16.25
CA GLN A 172 -20.54 -9.21 15.71
C GLN A 172 -21.16 -9.74 14.42
N THR A 173 -20.37 -10.37 13.55
CA THR A 173 -20.88 -10.92 12.32
C THR A 173 -21.97 -11.97 12.66
N ILE A 174 -21.70 -12.81 13.66
CA ILE A 174 -22.65 -13.83 14.06
C ILE A 174 -23.91 -13.17 14.64
N ALA A 175 -23.72 -12.18 15.51
CA ALA A 175 -24.84 -11.50 16.13
C ALA A 175 -25.78 -10.80 15.14
N ASP A 176 -25.24 -10.26 14.05
CA ASP A 176 -26.04 -9.59 13.02
C ASP A 176 -26.36 -10.46 11.80
N GLY A 177 -26.01 -11.74 11.85
CA GLY A 177 -26.22 -12.60 10.71
C GLY A 177 -25.67 -12.03 9.42
N ARG A 178 -24.39 -11.69 9.44
CA ARG A 178 -23.77 -10.96 8.34
C ARG A 178 -22.82 -11.83 7.61
N GLN A 179 -23.05 -13.14 7.64
CA GLN A 179 -22.21 -14.08 6.95
C GLN A 179 -22.10 -13.82 5.41
N ALA A 180 -23.07 -13.11 4.84
CA ALA A 180 -23.00 -12.80 3.40
C ALA A 180 -22.06 -11.61 3.16
N LEU A 181 -21.95 -10.73 4.16
CA LEU A 181 -21.01 -9.61 4.12
C LEU A 181 -20.30 -9.42 5.48
N PRO A 182 -19.43 -10.36 5.84
CA PRO A 182 -18.93 -10.33 7.20
C PRO A 182 -18.07 -9.09 7.48
N TYR A 183 -18.11 -8.63 8.71
CA TYR A 183 -17.30 -7.52 9.12
C TYR A 183 -15.82 -7.85 8.92
N GLN A 184 -15.08 -6.85 8.49
CA GLN A 184 -13.71 -7.10 8.04
C GLN A 184 -12.67 -6.26 8.77
N LEU A 185 -11.41 -6.70 8.69
CA LEU A 185 -10.28 -6.05 9.34
C LEU A 185 -9.15 -5.97 8.31
N THR A 186 -8.66 -4.75 8.07
CA THR A 186 -7.52 -4.49 7.21
C THR A 186 -6.52 -3.57 7.92
N ILE A 187 -5.30 -3.52 7.41
CA ILE A 187 -4.39 -2.40 7.70
C ILE A 187 -3.78 -1.87 6.45
N ALA A 188 -3.39 -0.61 6.55
CA ALA A 188 -2.53 0.03 5.56
C ALA A 188 -1.12 -0.37 5.96
N GLY A 189 -0.47 -1.16 5.12
CA GLY A 189 0.89 -1.64 5.39
C GLY A 189 1.95 -0.85 4.66
N ALA A 190 3.15 -0.89 5.21
CA ALA A 190 4.32 -0.29 4.59
C ALA A 190 4.54 -0.91 3.22
N GLY A 191 4.87 -0.05 2.26
CA GLY A 191 5.18 -0.44 0.89
C GLY A 191 6.60 -0.21 0.48
N GLY A 192 7.46 0.07 1.45
CA GLY A 192 8.89 0.13 1.21
C GLY A 192 9.64 -0.49 2.39
N ALA A 193 10.81 -1.03 2.09
CA ALA A 193 11.51 -1.88 3.03
C ALA A 193 11.95 -1.23 4.32
N PHE A 194 12.21 0.09 4.33
CA PHE A 194 12.72 0.70 5.54
C PHE A 194 11.67 0.69 6.64
N PHE A 195 10.45 1.10 6.30
CA PHE A 195 9.34 1.03 7.26
C PHE A 195 8.83 -0.41 7.49
N LEU A 196 8.84 -1.21 6.44
CA LEU A 196 8.44 -2.61 6.52
C LEU A 196 9.35 -3.37 7.49
N SER A 197 10.61 -3.00 7.57
CA SER A 197 11.52 -3.71 8.44
C SER A 197 11.14 -3.59 9.93
N ARG A 198 10.30 -2.63 10.31
CA ARG A 198 9.89 -2.56 11.74
C ARG A 198 9.12 -3.81 12.19
N TYR A 199 8.37 -4.45 11.28
CA TYR A 199 7.54 -5.57 11.69
C TYR A 199 7.67 -6.76 10.76
N TYR A 200 8.57 -6.67 9.79
CA TYR A 200 8.77 -7.73 8.82
C TYR A 200 8.93 -9.16 9.36
N SER A 201 9.70 -9.35 10.43
CA SER A 201 9.93 -10.69 10.95
C SER A 201 8.66 -11.34 11.44
N LYS A 202 7.64 -10.53 11.74
CA LYS A 202 6.37 -11.04 12.28
C LYS A 202 5.20 -10.81 11.31
N LEU A 203 5.54 -10.79 10.03
CA LEU A 203 4.58 -10.46 9.01
C LEU A 203 3.44 -11.45 8.97
N ALA A 204 3.72 -12.76 9.01
CA ALA A 204 2.65 -13.75 9.03
C ALA A 204 1.68 -13.50 10.15
N GLN A 205 2.16 -13.12 11.33
CA GLN A 205 1.26 -12.90 12.48
C GLN A 205 0.36 -11.68 12.32
N ILE A 206 0.91 -10.67 11.63
CA ILE A 206 0.19 -9.44 11.36
C ILE A 206 -0.93 -9.67 10.37
N VAL A 207 -0.64 -10.44 9.31
CA VAL A 207 -1.59 -10.67 8.25
C VAL A 207 -2.68 -11.68 8.62
N ALA A 208 -2.43 -12.55 9.60
CA ALA A 208 -3.32 -13.69 9.85
C ALA A 208 -4.76 -13.27 10.22
N PRO A 209 -4.94 -12.32 11.12
CA PRO A 209 -6.26 -11.75 11.46
C PRO A 209 -6.90 -10.87 10.40
N LEU A 210 -6.14 -10.53 9.35
CA LEU A 210 -6.64 -9.57 8.36
C LEU A 210 -7.39 -10.23 7.24
N ASP A 211 -8.35 -9.50 6.68
CA ASP A 211 -8.87 -9.81 5.36
C ASP A 211 -7.90 -9.33 4.27
N TYR A 212 -7.28 -8.18 4.48
CA TYR A 212 -6.30 -7.69 3.53
C TYR A 212 -5.28 -6.85 4.22
N ILE A 213 -4.09 -6.85 3.65
CA ILE A 213 -3.07 -5.88 4.00
C ILE A 213 -2.84 -5.03 2.75
N ASN A 214 -3.16 -3.75 2.88
CA ASN A 214 -3.19 -2.83 1.76
C ASN A 214 -1.86 -2.11 1.72
N LEU A 215 -1.00 -2.53 0.80
CA LEU A 215 0.35 -2.04 0.80
C LEU A 215 0.38 -0.61 0.29
N MET A 216 1.06 0.27 1.02
CA MET A 216 1.22 1.65 0.59
C MET A 216 2.39 1.74 -0.32
N THR A 217 2.23 1.14 -1.50
CA THR A 217 3.27 1.12 -2.53
C THR A 217 3.23 2.41 -3.39
N TYR A 218 3.40 3.52 -2.70
CA TYR A 218 3.52 4.83 -3.31
C TYR A 218 4.28 5.68 -2.29
N ASP A 219 4.57 6.94 -2.60
CA ASP A 219 5.44 7.75 -1.75
C ASP A 219 6.81 7.10 -1.59
N LEU A 220 7.25 6.35 -2.60
CA LEU A 220 8.57 5.77 -2.56
C LEU A 220 9.64 6.79 -3.01
N ALA A 221 9.20 7.99 -3.39
CA ALA A 221 10.08 9.12 -3.64
C ALA A 221 9.37 10.31 -3.08
N GLY A 222 10.13 11.36 -2.86
CA GLY A 222 9.63 12.56 -2.21
C GLY A 222 10.74 13.53 -1.89
N PRO A 223 10.38 14.70 -1.36
CA PRO A 223 11.33 15.78 -1.13
C PRO A 223 12.39 15.43 -0.14
N TRP A 224 12.14 14.41 0.69
CA TRP A 224 13.14 13.92 1.65
C TRP A 224 14.25 13.10 0.98
N GLU A 225 14.08 12.65 -0.27
CA GLU A 225 15.18 11.95 -0.97
C GLU A 225 16.05 12.99 -1.71
N LYS A 226 17.28 12.65 -2.01
CA LYS A 226 18.16 13.69 -2.53
C LYS A 226 18.03 13.80 -4.04
N ILE A 227 17.45 12.75 -4.63
CA ILE A 227 17.45 12.53 -6.06
C ILE A 227 15.97 12.31 -6.42
N THR A 228 15.49 12.98 -7.46
CA THR A 228 14.14 12.72 -7.90
C THR A 228 14.01 11.30 -8.36
N ASN A 229 12.81 10.72 -8.19
CA ASN A 229 12.50 9.39 -8.66
C ASN A 229 11.00 9.21 -8.81
N HIS A 230 10.62 8.15 -9.48
CA HIS A 230 9.18 7.75 -9.53
C HIS A 230 8.75 7.31 -8.15
N GLN A 231 7.60 7.79 -7.70
CA GLN A 231 7.11 7.44 -6.39
C GLN A 231 6.45 6.04 -6.29
N ALA A 232 6.15 5.42 -7.43
CA ALA A 232 5.42 4.12 -7.46
C ALA A 232 5.82 3.32 -8.71
N ALA A 233 7.12 3.28 -8.97
CA ALA A 233 7.61 2.49 -10.10
C ALA A 233 7.18 1.03 -9.95
N LEU A 234 6.65 0.43 -10.99
CA LEU A 234 6.23 -0.96 -10.86
C LEU A 234 7.48 -1.84 -10.81
N PHE A 235 8.38 -1.59 -11.76
CA PHE A 235 9.65 -2.30 -11.85
C PHE A 235 10.79 -1.34 -11.86
N GLY A 236 12.01 -1.84 -11.74
CA GLY A 236 13.17 -0.94 -11.51
C GLY A 236 13.81 -0.47 -12.80
N ASP A 237 14.43 0.71 -12.73
CA ASP A 237 15.21 1.28 -13.83
C ASP A 237 16.65 1.33 -13.33
N ALA A 238 17.58 0.74 -14.07
CA ALA A 238 18.96 0.67 -13.62
C ALA A 238 19.63 2.02 -13.60
N ALA A 239 19.10 2.97 -14.33
CA ALA A 239 19.64 4.33 -14.28
C ALA A 239 19.14 5.08 -13.03
N GLY A 240 18.13 4.57 -12.34
CA GLY A 240 17.60 5.23 -11.15
C GLY A 240 18.36 4.89 -9.88
N PRO A 241 18.04 5.54 -8.76
CA PRO A 241 18.72 5.28 -7.53
C PRO A 241 18.37 3.90 -7.02
N THR A 242 19.26 3.35 -6.20
CA THR A 242 18.98 2.10 -5.54
C THR A 242 19.16 2.31 -4.05
N PHE A 243 18.71 1.36 -3.25
CA PHE A 243 18.69 1.54 -1.80
C PHE A 243 19.19 0.31 -1.08
N TYR A 244 19.79 0.55 0.06
CA TYR A 244 20.11 -0.49 1.04
C TYR A 244 18.86 -1.29 1.38
N ASN A 245 18.97 -2.62 1.35
CA ASN A 245 17.88 -3.54 1.73
C ASN A 245 17.89 -3.83 3.23
N ALA A 246 17.18 -2.99 3.98
CA ALA A 246 17.10 -3.09 5.45
C ALA A 246 16.58 -4.44 5.93
N LEU A 247 15.80 -5.13 5.13
CA LEU A 247 15.23 -6.37 5.58
C LEU A 247 16.31 -7.41 5.90
N ARG A 248 17.47 -7.31 5.28
CA ARG A 248 18.51 -8.30 5.55
C ARG A 248 19.06 -8.20 7.00
N GLU A 249 18.70 -7.13 7.72
CA GLU A 249 19.07 -6.96 9.11
C GLU A 249 17.92 -7.23 10.08
N ALA A 250 16.78 -7.67 9.56
CA ALA A 250 15.64 -8.02 10.40
C ALA A 250 16.00 -9.24 11.24
N ASN A 251 15.38 -9.36 12.40
CA ASN A 251 15.65 -10.46 13.29
C ASN A 251 14.93 -11.73 12.86
N LEU A 252 15.48 -12.40 11.85
CA LEU A 252 14.82 -13.51 11.21
C LEU A 252 15.41 -14.84 11.67
N GLY A 253 16.67 -14.85 12.10
CA GLY A 253 17.38 -16.11 12.45
C GLY A 253 17.83 -16.91 11.23
N TRP A 254 17.86 -16.28 10.05
CA TRP A 254 18.28 -16.96 8.84
C TRP A 254 19.82 -17.00 8.66
N SER A 255 20.29 -17.89 7.81
CA SER A 255 21.71 -18.00 7.49
C SER A 255 22.15 -16.93 6.49
N TRP A 256 23.46 -16.79 6.31
CA TRP A 256 23.96 -15.84 5.34
C TRP A 256 23.37 -16.10 3.95
N GLU A 257 23.41 -17.35 3.50
CA GLU A 257 22.92 -17.67 2.15
C GLU A 257 21.40 -17.39 2.08
N GLU A 258 20.67 -17.67 3.14
CA GLU A 258 19.23 -17.48 3.10
C GLU A 258 18.95 -15.99 2.96
N LEU A 259 19.72 -15.20 3.69
CA LEU A 259 19.53 -13.75 3.74
C LEU A 259 19.86 -13.16 2.39
N THR A 260 21.02 -13.52 1.87
CA THR A 260 21.48 -13.06 0.58
C THR A 260 20.47 -13.41 -0.53
N ARG A 261 19.93 -14.63 -0.56
CA ARG A 261 19.03 -15.04 -1.66
C ARG A 261 17.69 -14.24 -1.59
N ALA A 262 17.25 -13.89 -0.40
CA ALA A 262 15.99 -13.16 -0.22
C ALA A 262 16.11 -11.63 -0.39
N PHE A 263 17.27 -11.07 -0.05
CA PHE A 263 17.38 -9.63 0.17
C PHE A 263 18.58 -9.04 -0.60
N PRO A 264 18.54 -9.07 -1.92
CA PRO A 264 19.59 -8.37 -2.61
C PRO A 264 19.69 -6.90 -2.19
N SER A 265 20.91 -6.41 -2.21
CA SER A 265 21.19 -5.06 -1.73
C SER A 265 22.40 -4.54 -2.44
N PRO A 266 22.35 -3.33 -2.97
CA PRO A 266 21.22 -2.39 -3.03
C PRO A 266 20.11 -2.95 -3.90
N PHE A 267 18.94 -2.34 -3.84
CA PHE A 267 17.82 -2.81 -4.65
C PHE A 267 17.02 -1.61 -5.11
N SER A 268 16.16 -1.84 -6.10
CA SER A 268 15.27 -0.82 -6.61
C SER A 268 13.96 -0.79 -5.82
N LEU A 269 13.64 0.40 -5.30
CA LEU A 269 12.45 0.58 -4.45
C LEU A 269 11.19 0.74 -5.28
N THR A 270 10.50 -0.37 -5.49
CA THR A 270 9.45 -0.46 -6.45
C THR A 270 8.28 -1.18 -5.83
N VAL A 271 7.15 -1.15 -6.55
CA VAL A 271 5.97 -1.84 -6.14
C VAL A 271 6.18 -3.34 -6.12
N ASP A 272 6.85 -3.83 -7.16
CA ASP A 272 7.15 -5.25 -7.32
C ASP A 272 8.00 -5.73 -6.16
N ALA A 273 8.96 -4.90 -5.74
CA ALA A 273 9.81 -5.22 -4.59
C ALA A 273 9.01 -5.46 -3.33
N ALA A 274 8.13 -4.52 -2.99
CA ALA A 274 7.34 -4.63 -1.77
C ALA A 274 6.45 -5.87 -1.81
N VAL A 275 5.82 -6.09 -2.97
CA VAL A 275 4.95 -7.25 -3.12
C VAL A 275 5.74 -8.57 -2.91
N GLN A 276 6.85 -8.69 -3.59
CA GLN A 276 7.67 -9.90 -3.50
C GLN A 276 8.18 -10.04 -2.08
N GLN A 277 8.53 -8.93 -1.44
CA GLN A 277 9.01 -9.03 -0.04
C GLN A 277 7.94 -9.63 0.87
N HIS A 278 6.67 -9.40 0.56
CA HIS A 278 5.60 -10.01 1.34
C HIS A 278 5.46 -11.49 1.00
N LEU A 279 5.54 -11.81 -0.30
CA LEU A 279 5.32 -13.19 -0.73
C LEU A 279 6.44 -14.13 -0.29
N MET A 280 7.64 -13.59 -0.13
CA MET A 280 8.78 -14.35 0.35
C MET A 280 8.53 -14.95 1.73
N MET A 281 7.63 -14.37 2.52
CA MET A 281 7.41 -14.86 3.87
C MET A 281 6.33 -15.96 3.93
N GLU A 282 6.66 -16.99 4.68
CA GLU A 282 5.78 -18.12 4.91
C GLU A 282 4.53 -17.69 5.65
N GLY A 283 3.38 -18.13 5.17
CA GLY A 283 2.11 -17.86 5.83
C GLY A 283 1.51 -16.53 5.41
N VAL A 284 2.09 -15.88 4.41
CA VAL A 284 1.53 -14.64 3.87
C VAL A 284 0.92 -14.87 2.48
N PRO A 285 -0.37 -15.08 2.42
CA PRO A 285 -0.91 -15.54 1.14
C PRO A 285 -1.12 -14.40 0.18
N SER A 286 -0.96 -14.67 -1.11
CA SER A 286 -1.04 -13.64 -2.09
C SER A 286 -2.45 -13.01 -2.10
N ALA A 287 -3.49 -13.79 -1.82
CA ALA A 287 -4.83 -13.25 -1.95
C ALA A 287 -5.12 -12.16 -0.87
N LYS A 288 -4.30 -12.08 0.16
CA LYS A 288 -4.49 -11.08 1.21
C LYS A 288 -3.70 -9.79 0.91
N ILE A 289 -2.85 -9.84 -0.10
CA ILE A 289 -2.01 -8.72 -0.45
C ILE A 289 -2.70 -7.81 -1.46
N VAL A 290 -2.88 -6.54 -1.09
CA VAL A 290 -3.53 -5.54 -1.96
C VAL A 290 -2.51 -4.47 -2.33
N MET A 291 -2.43 -4.15 -3.60
CA MET A 291 -1.48 -3.17 -4.09
C MET A 291 -2.09 -1.80 -3.96
N GLY A 292 -1.40 -0.93 -3.22
CA GLY A 292 -1.74 0.48 -3.19
C GLY A 292 -1.28 1.24 -4.40
N VAL A 293 -2.08 2.20 -4.83
CA VAL A 293 -1.67 3.10 -5.89
C VAL A 293 -2.06 4.54 -5.55
N PRO A 294 -1.30 5.52 -6.07
CA PRO A 294 -1.65 6.88 -5.71
C PRO A 294 -2.50 7.52 -6.82
N PHE A 295 -3.52 8.27 -6.40
CA PHE A 295 -4.28 9.11 -7.33
C PHE A 295 -3.74 10.57 -7.33
N TYR A 296 -2.49 10.73 -6.92
CA TYR A 296 -1.84 12.05 -6.82
C TYR A 296 -0.42 11.97 -7.35
N GLY A 297 0.13 13.11 -7.79
CA GLY A 297 1.53 13.17 -8.17
C GLY A 297 2.32 13.86 -7.05
N ARG A 298 3.61 13.54 -6.97
CA ARG A 298 4.55 14.35 -6.20
C ARG A 298 5.42 15.23 -7.10
N ALA A 299 5.45 16.53 -6.79
CA ALA A 299 6.22 17.48 -7.60
C ALA A 299 7.51 17.90 -6.96
N PHE A 300 8.51 18.11 -7.82
CA PHE A 300 9.84 18.57 -7.46
C PHE A 300 10.20 19.81 -8.29
N LYS A 301 10.89 20.73 -7.67
CA LYS A 301 11.43 21.87 -8.37
C LYS A 301 12.95 21.83 -8.32
N GLY A 302 13.59 22.73 -9.06
CA GLY A 302 15.04 22.81 -9.12
C GLY A 302 15.72 21.61 -9.78
N VAL A 303 15.03 20.95 -10.70
CA VAL A 303 15.65 19.82 -11.38
C VAL A 303 16.38 20.26 -12.63
N SER A 304 17.50 19.61 -12.90
CA SER A 304 18.28 19.88 -14.09
C SER A 304 17.89 18.87 -15.18
N GLY A 305 18.17 19.23 -16.43
CA GLY A 305 17.65 18.50 -17.59
C GLY A 305 18.44 17.25 -17.98
N GLY A 306 18.16 16.73 -19.16
CA GLY A 306 18.91 15.60 -19.68
C GLY A 306 18.12 14.30 -19.69
N ASN A 307 17.46 13.96 -18.58
CA ASN A 307 16.61 12.78 -18.57
C ASN A 307 15.17 13.04 -18.14
N GLY A 308 14.60 14.18 -18.55
CA GLY A 308 13.22 14.49 -18.26
C GLY A 308 12.95 14.87 -16.81
N GLY A 309 14.00 15.25 -16.10
CA GLY A 309 13.91 15.52 -14.67
C GLY A 309 14.00 14.30 -13.77
N GLN A 310 14.22 13.12 -14.37
CA GLN A 310 14.37 11.90 -13.56
C GLN A 310 15.79 11.86 -12.99
N TYR A 311 15.92 11.49 -11.72
CA TYR A 311 17.22 11.08 -11.12
C TYR A 311 18.16 12.27 -11.00
N SER A 312 17.55 13.40 -10.70
CA SER A 312 18.18 14.70 -10.66
C SER A 312 18.18 15.18 -9.22
N SER A 313 19.18 15.94 -8.86
CA SER A 313 19.07 16.75 -7.67
C SER A 313 17.96 17.80 -7.85
N HIS A 314 17.55 18.38 -6.74
CA HIS A 314 16.40 19.23 -6.73
C HIS A 314 16.40 20.13 -5.49
N SER A 315 15.46 21.06 -5.46
CA SER A 315 15.40 22.11 -4.43
C SER A 315 14.08 22.16 -3.72
N THR A 316 13.44 21.03 -3.56
CA THR A 316 12.06 20.99 -3.06
C THR A 316 12.09 20.95 -1.55
N PRO A 317 11.44 21.91 -0.89
CA PRO A 317 11.51 21.88 0.59
C PRO A 317 10.77 20.63 1.15
N GLY A 318 11.36 20.00 2.18
CA GLY A 318 10.75 18.88 2.90
C GLY A 318 10.00 19.32 4.15
N GLU A 319 10.13 20.58 4.51
CA GLU A 319 9.67 21.00 5.81
C GLU A 319 8.12 21.08 5.81
N ASP A 320 7.54 21.06 7.00
CA ASP A 320 6.09 21.19 7.17
C ASP A 320 5.82 22.22 8.26
N PRO A 321 4.98 23.24 7.99
CA PRO A 321 4.28 23.51 6.72
C PRO A 321 5.22 24.02 5.61
N TYR A 322 4.69 24.11 4.39
CA TYR A 322 5.44 24.63 3.28
C TYR A 322 5.97 25.97 3.72
N PRO A 323 7.29 26.22 3.54
CA PRO A 323 7.90 27.30 4.32
C PRO A 323 7.65 28.72 3.80
N ASN A 324 6.99 28.84 2.65
CA ASN A 324 6.70 30.15 2.07
C ASN A 324 5.47 30.14 1.16
N ALA A 325 5.20 31.27 0.51
CA ALA A 325 4.06 31.40 -0.37
C ALA A 325 4.45 31.33 -1.87
N ASP A 326 5.62 30.77 -2.19
CA ASP A 326 5.95 30.54 -3.60
C ASP A 326 5.28 29.21 -4.07
N TYR A 327 4.17 29.35 -4.75
CA TYR A 327 3.42 28.20 -5.22
C TYR A 327 3.79 27.98 -6.68
N TRP A 328 4.90 27.25 -6.86
CA TRP A 328 5.66 27.20 -8.09
C TRP A 328 5.19 26.11 -9.04
N LEU A 329 4.22 25.31 -8.59
CA LEU A 329 3.70 24.25 -9.44
C LEU A 329 2.73 24.92 -10.43
N VAL A 330 3.29 25.28 -11.57
CA VAL A 330 2.63 26.12 -12.55
C VAL A 330 1.36 25.45 -13.01
N GLY A 331 0.24 26.16 -12.89
CA GLY A 331 -1.07 25.64 -13.30
C GLY A 331 -1.84 24.86 -12.26
N CYS A 332 -1.23 24.60 -11.10
CA CYS A 332 -1.94 23.85 -10.07
C CYS A 332 -2.78 24.75 -9.16
N ASP A 333 -4.07 24.88 -9.44
CA ASP A 333 -4.91 25.79 -8.65
C ASP A 333 -5.17 25.23 -7.28
N GLU A 334 -5.30 23.90 -7.19
CA GLU A 334 -5.49 23.24 -5.91
C GLU A 334 -4.27 23.52 -4.98
N CYS A 335 -3.09 23.66 -5.55
CA CYS A 335 -1.87 23.92 -4.72
C CYS A 335 -1.89 25.28 -4.04
N VAL A 336 -2.44 26.26 -4.75
CA VAL A 336 -2.64 27.61 -4.18
C VAL A 336 -3.67 27.57 -3.04
N ARG A 337 -4.83 26.98 -3.32
CA ARG A 337 -5.86 26.72 -2.32
C ARG A 337 -5.20 26.04 -1.12
N ASP A 338 -4.39 25.01 -1.34
CA ASP A 338 -3.84 24.29 -0.17
C ASP A 338 -2.47 24.84 0.30
N LYS A 339 -1.92 25.83 -0.38
CA LYS A 339 -0.66 26.45 0.05
C LYS A 339 0.51 25.46 0.10
N ASP A 340 0.50 24.52 -0.82
CA ASP A 340 1.56 23.58 -0.91
C ASP A 340 1.65 23.10 -2.36
N PRO A 341 2.81 23.29 -2.98
CA PRO A 341 3.05 22.94 -4.38
C PRO A 341 3.58 21.53 -4.60
N ARG A 342 3.67 20.76 -3.52
CA ARG A 342 4.39 19.53 -3.57
C ARG A 342 3.58 18.32 -3.98
N ILE A 343 2.26 18.43 -3.86
CA ILE A 343 1.37 17.31 -4.22
C ILE A 343 0.20 17.86 -5.02
N ALA A 344 -0.06 17.25 -6.17
CA ALA A 344 -1.22 17.56 -7.00
C ALA A 344 -2.03 16.30 -7.35
N SER A 345 -3.34 16.40 -7.14
CA SER A 345 -4.27 15.36 -7.52
C SER A 345 -4.19 15.08 -8.99
N TYR A 346 -4.50 13.84 -9.36
CA TYR A 346 -4.56 13.46 -10.79
C TYR A 346 -5.51 14.41 -11.55
N ARG A 347 -6.61 14.75 -10.89
CA ARG A 347 -7.61 15.64 -11.45
C ARG A 347 -6.96 16.98 -11.88
N GLN A 348 -6.14 17.52 -10.99
CA GLN A 348 -5.42 18.72 -11.29
C GLN A 348 -4.35 18.49 -12.38
N LEU A 349 -3.67 17.35 -12.37
CA LEU A 349 -2.62 17.10 -13.29
C LEU A 349 -3.14 17.05 -14.71
N GLU A 350 -4.31 16.47 -14.91
CA GLU A 350 -4.88 16.50 -16.26
C GLU A 350 -5.01 17.95 -16.71
N GLN A 351 -5.53 18.82 -15.87
CA GLN A 351 -5.74 20.20 -16.26
C GLN A 351 -4.42 20.90 -16.56
N MET A 352 -3.38 20.53 -15.83
CA MET A 352 -2.08 21.18 -15.96
C MET A 352 -1.47 20.78 -17.29
N LEU A 353 -1.66 19.54 -17.63
CA LEU A 353 -1.13 19.04 -18.87
C LEU A 353 -1.91 19.63 -20.05
N GLN A 354 -3.18 19.93 -19.85
CA GLN A 354 -4.04 20.29 -20.98
C GLN A 354 -3.91 21.76 -21.31
N GLY A 355 -3.72 22.59 -20.27
CA GLY A 355 -3.50 24.01 -20.43
C GLY A 355 -2.11 24.27 -20.99
N ASN A 356 -1.84 25.53 -21.26
CA ASN A 356 -0.56 25.97 -21.80
C ASN A 356 0.39 26.32 -20.68
N TYR A 357 0.87 25.33 -19.94
CA TYR A 357 1.61 25.61 -18.74
C TYR A 357 3.03 25.13 -18.86
N GLY A 358 3.41 24.55 -20.00
CA GLY A 358 4.78 24.18 -20.26
C GLY A 358 5.21 22.76 -19.83
N TYR A 359 4.25 21.86 -19.53
CA TYR A 359 4.62 20.45 -19.19
C TYR A 359 4.61 19.53 -20.40
N GLN A 360 5.55 18.59 -20.45
CA GLN A 360 5.40 17.42 -21.32
C GLN A 360 5.13 16.19 -20.48
N ARG A 361 4.28 15.33 -21.00
CA ARG A 361 3.97 14.04 -20.39
C ARG A 361 4.90 13.02 -20.99
N LEU A 362 5.73 12.40 -20.15
CA LEU A 362 6.74 11.46 -20.61
C LEU A 362 6.44 10.10 -20.00
N TRP A 363 7.10 9.06 -20.48
CA TRP A 363 6.76 7.68 -20.10
C TRP A 363 8.03 6.89 -19.87
N ASN A 364 8.21 6.29 -18.71
CA ASN A 364 9.40 5.46 -18.52
C ASN A 364 8.95 4.04 -18.73
N ASP A 365 9.51 3.41 -19.75
CA ASP A 365 9.06 2.11 -20.20
C ASP A 365 9.61 0.96 -19.33
N LYS A 366 10.49 1.27 -18.38
CA LYS A 366 10.98 0.23 -17.47
C LYS A 366 10.11 0.21 -16.25
N THR A 367 9.85 1.41 -15.72
CA THR A 367 9.03 1.54 -14.52
C THR A 367 7.54 1.42 -14.83
N LYS A 368 7.18 1.62 -16.10
CA LYS A 368 5.79 1.64 -16.52
C LYS A 368 4.98 2.68 -15.80
N THR A 369 5.54 3.88 -15.71
CA THR A 369 4.86 5.00 -15.05
C THR A 369 5.10 6.26 -15.84
N PRO A 370 4.10 7.16 -15.85
CA PRO A 370 4.23 8.47 -16.47
C PRO A 370 4.92 9.47 -15.58
N TYR A 371 5.34 10.59 -16.14
CA TYR A 371 5.83 11.70 -15.36
C TYR A 371 5.71 12.99 -16.16
N LEU A 372 5.53 14.11 -15.45
CA LEU A 372 5.57 15.41 -16.10
C LEU A 372 6.92 16.05 -15.95
N TYR A 373 7.37 16.69 -17.04
CA TYR A 373 8.58 17.46 -17.04
C TYR A 373 8.28 18.84 -17.58
N HIS A 374 8.69 19.87 -16.82
CA HIS A 374 8.61 21.27 -17.20
C HIS A 374 10.03 21.73 -17.47
N ALA A 375 10.40 21.79 -18.73
CA ALA A 375 11.77 22.04 -19.15
C ALA A 375 12.21 23.47 -18.81
N GLN A 376 11.33 24.44 -19.01
CA GLN A 376 11.71 25.81 -18.73
C GLN A 376 12.03 26.07 -17.25
N ASN A 377 11.16 25.65 -16.33
CA ASN A 377 11.37 25.95 -14.92
C ASN A 377 12.16 24.89 -14.14
N GLY A 378 12.37 23.72 -14.73
CA GLY A 378 13.04 22.62 -14.04
C GLY A 378 12.12 21.96 -13.03
N LEU A 379 10.96 21.48 -13.49
CA LEU A 379 10.02 20.72 -12.64
C LEU A 379 9.83 19.28 -13.11
N PHE A 380 9.61 18.41 -12.13
CA PHE A 380 9.37 16.98 -12.33
C PHE A 380 8.25 16.54 -11.41
N VAL A 381 7.30 15.79 -12.01
CA VAL A 381 6.12 15.26 -11.30
C VAL A 381 5.96 13.78 -11.58
N THR A 382 5.91 12.98 -10.52
CA THR A 382 5.77 11.52 -10.62
C THR A 382 4.37 11.15 -10.13
N TYR A 383 3.64 10.44 -10.99
CA TYR A 383 2.23 10.14 -10.75
C TYR A 383 1.86 8.87 -11.53
N ASP A 384 0.63 8.41 -11.33
CA ASP A 384 0.09 7.25 -12.00
C ASP A 384 -1.13 7.69 -12.83
N ASP A 385 -1.39 7.00 -13.95
CA ASP A 385 -2.60 7.21 -14.73
C ASP A 385 -3.22 5.88 -15.20
N ALA A 386 -4.17 5.96 -16.13
CA ALA A 386 -4.88 4.79 -16.63
C ALA A 386 -3.98 3.84 -17.38
N GLU A 387 -2.86 4.36 -17.91
CA GLU A 387 -1.89 3.50 -18.60
C GLU A 387 -1.02 2.75 -17.61
N SER A 388 -0.51 3.43 -16.58
CA SER A 388 0.30 2.73 -15.59
C SER A 388 -0.54 1.71 -14.88
N PHE A 389 -1.85 1.97 -14.77
CA PHE A 389 -2.75 1.02 -14.10
C PHE A 389 -2.99 -0.27 -14.92
N LYS A 390 -2.75 -0.24 -16.23
CA LYS A 390 -2.84 -1.46 -17.00
C LYS A 390 -1.78 -2.45 -16.54
N TYR A 391 -0.56 -1.97 -16.41
CA TYR A 391 0.52 -2.85 -16.01
C TYR A 391 0.35 -3.34 -14.58
N LYS A 392 -0.04 -2.45 -13.67
CA LYS A 392 -0.27 -2.80 -12.28
C LYS A 392 -1.42 -3.83 -12.15
N ALA A 393 -2.49 -3.61 -12.91
CA ALA A 393 -3.62 -4.54 -12.86
C ALA A 393 -3.18 -5.88 -13.42
N LYS A 394 -2.37 -5.88 -14.49
CA LYS A 394 -1.91 -7.13 -15.03
C LYS A 394 -1.05 -7.84 -14.00
N TYR A 395 -0.17 -7.10 -13.34
CA TYR A 395 0.64 -7.69 -12.28
C TYR A 395 -0.18 -8.25 -11.12
N ILE A 396 -1.23 -7.53 -10.73
CA ILE A 396 -2.18 -8.02 -9.74
C ILE A 396 -2.82 -9.35 -10.14
N LYS A 397 -3.23 -9.50 -11.39
CA LYS A 397 -3.81 -10.79 -11.81
C LYS A 397 -2.74 -11.87 -11.84
N GLN A 398 -1.56 -11.56 -12.38
CA GLN A 398 -0.52 -12.56 -12.56
C GLN A 398 -0.02 -13.10 -11.23
N GLN A 399 0.19 -12.23 -10.26
CA GLN A 399 0.70 -12.64 -8.94
C GLN A 399 -0.40 -13.10 -7.98
N GLN A 400 -1.64 -13.08 -8.44
CA GLN A 400 -2.78 -13.54 -7.65
C GLN A 400 -2.96 -12.75 -6.34
N LEU A 401 -2.81 -11.46 -6.46
CA LEU A 401 -3.08 -10.57 -5.37
C LEU A 401 -4.58 -10.36 -5.14
N GLY A 402 -4.89 -9.86 -3.97
CA GLY A 402 -6.26 -9.65 -3.61
C GLY A 402 -6.96 -8.50 -4.31
N GLY A 403 -6.20 -7.51 -4.75
CA GLY A 403 -6.81 -6.39 -5.44
C GLY A 403 -5.97 -5.13 -5.35
N VAL A 404 -6.67 -3.98 -5.31
CA VAL A 404 -6.02 -2.68 -5.39
C VAL A 404 -6.60 -1.76 -4.36
N MET A 405 -5.76 -0.88 -3.81
CA MET A 405 -6.21 0.16 -2.89
C MET A 405 -5.69 1.49 -3.44
N PHE A 406 -6.36 2.59 -3.13
CA PHE A 406 -5.85 3.88 -3.57
C PHE A 406 -6.16 5.03 -2.61
N TRP A 407 -5.20 5.95 -2.56
CA TRP A 407 -5.33 7.17 -1.79
C TRP A 407 -5.29 8.30 -2.81
N HIS A 408 -6.37 9.06 -2.99
CA HIS A 408 -7.70 8.81 -2.44
C HIS A 408 -8.75 9.31 -3.43
N LEU A 409 -9.99 9.00 -3.14
CA LEU A 409 -11.12 9.15 -4.09
C LEU A 409 -11.29 10.60 -4.55
N GLY A 410 -11.06 11.54 -3.65
CA GLY A 410 -11.22 12.94 -3.95
C GLY A 410 -10.22 13.43 -4.94
N GLN A 411 -9.27 12.58 -5.36
CA GLN A 411 -8.23 13.03 -6.28
C GLN A 411 -8.43 12.47 -7.69
N ASP A 412 -9.37 11.56 -7.88
CA ASP A 412 -9.74 11.14 -9.21
C ASP A 412 -10.26 12.38 -9.98
N ASN A 413 -10.28 12.31 -11.30
CA ASN A 413 -10.91 13.36 -12.04
C ASN A 413 -12.42 13.22 -11.91
N ARG A 414 -13.09 14.25 -12.35
CA ARG A 414 -14.51 14.40 -12.12
C ARG A 414 -15.34 13.22 -12.61
N ASN A 415 -14.98 12.65 -13.76
CA ASN A 415 -15.69 11.48 -14.25
C ASN A 415 -15.17 10.19 -13.64
N GLY A 416 -14.20 10.29 -12.73
CA GLY A 416 -13.64 9.14 -12.08
C GLY A 416 -13.01 8.15 -13.02
N ASP A 417 -12.23 8.64 -13.97
CA ASP A 417 -11.63 7.76 -14.96
C ASP A 417 -10.59 6.75 -14.37
N LEU A 418 -9.90 7.12 -13.30
CA LEU A 418 -8.91 6.21 -12.73
C LEU A 418 -9.59 4.98 -12.12
N LEU A 419 -10.62 5.21 -11.32
CA LEU A 419 -11.39 4.14 -10.73
C LEU A 419 -12.06 3.30 -11.80
N ALA A 420 -12.60 3.93 -12.84
CA ALA A 420 -13.25 3.18 -13.94
C ALA A 420 -12.22 2.31 -14.65
N ALA A 421 -11.03 2.83 -14.84
CA ALA A 421 -9.97 2.03 -15.47
C ALA A 421 -9.64 0.77 -14.67
N LEU A 422 -9.49 0.91 -13.35
CA LEU A 422 -9.16 -0.22 -12.51
C LEU A 422 -10.25 -1.26 -12.60
N ASP A 423 -11.50 -0.82 -12.49
CA ASP A 423 -12.65 -1.68 -12.60
C ASP A 423 -12.69 -2.39 -13.96
N ARG A 424 -12.38 -1.69 -15.02
CA ARG A 424 -12.39 -2.29 -16.34
C ARG A 424 -11.25 -3.31 -16.46
N TYR A 425 -10.06 -2.98 -15.95
CA TYR A 425 -8.96 -3.94 -16.15
C TYR A 425 -9.17 -5.31 -15.43
N PHE A 426 -10.01 -5.31 -14.39
CA PHE A 426 -10.32 -6.52 -13.66
C PHE A 426 -11.59 -7.22 -14.14
N ASN A 427 -12.61 -6.48 -14.57
CA ASN A 427 -13.99 -7.00 -14.67
C ASN A 427 -14.67 -6.91 -16.03
N ALA A 428 -14.14 -6.11 -16.94
CA ALA A 428 -14.80 -5.92 -18.23
C ALA A 428 -14.55 -7.15 -19.12
N ALA A 429 -15.63 -7.68 -19.70
CA ALA A 429 -15.51 -8.86 -20.58
C ALA A 429 -14.63 -8.62 -21.83
N ASP A 430 -14.67 -7.42 -22.39
CA ASP A 430 -13.96 -7.10 -23.64
C ASP A 430 -12.58 -6.46 -23.48
N TYR A 431 -12.06 -6.36 -22.26
CA TYR A 431 -10.71 -5.85 -22.05
C TYR A 431 -9.75 -7.00 -22.09
N ASP A 432 -8.72 -6.91 -22.90
CA ASP A 432 -7.79 -8.01 -23.04
C ASP A 432 -6.38 -7.49 -22.81
N ASP A 433 -5.65 -8.05 -21.84
CA ASP A 433 -4.26 -7.66 -21.64
C ASP A 433 -3.25 -8.80 -21.82
N SER A 434 -3.69 -9.87 -22.47
CA SER A 434 -2.82 -11.02 -22.72
C SER A 434 -1.59 -10.58 -23.49
N GLN A 435 -1.72 -9.56 -24.32
CA GLN A 435 -0.57 -9.08 -25.10
C GLN A 435 0.14 -7.87 -24.49
N LEU A 436 -0.32 -7.38 -23.36
CA LEU A 436 0.34 -6.23 -22.77
C LEU A 436 1.75 -6.64 -22.36
N ASP A 437 2.75 -5.93 -22.90
CA ASP A 437 4.15 -6.23 -22.66
C ASP A 437 4.60 -5.62 -21.32
N MET A 438 5.08 -6.46 -20.41
CA MET A 438 5.46 -6.00 -19.08
C MET A 438 6.87 -5.42 -19.00
N GLY A 439 7.62 -5.48 -20.10
CA GLY A 439 8.89 -4.74 -20.24
C GLY A 439 10.07 -5.47 -19.64
N THR A 440 11.22 -4.83 -19.69
CA THR A 440 12.47 -5.41 -19.19
C THR A 440 13.02 -4.68 -17.98
N GLY A 441 12.16 -3.92 -17.29
CA GLY A 441 12.50 -3.33 -15.98
C GLY A 441 12.96 -4.40 -15.00
N LEU A 442 13.72 -3.98 -14.00
CA LEU A 442 14.31 -4.86 -13.03
C LEU A 442 13.24 -5.44 -12.10
N ARG A 443 13.16 -6.76 -12.08
CA ARG A 443 12.39 -7.51 -11.09
C ARG A 443 13.15 -7.69 -9.79
N TYR A 444 12.42 -7.67 -8.67
CA TYR A 444 12.98 -8.11 -7.41
C TYR A 444 13.05 -9.64 -7.44
N THR A 445 14.25 -10.19 -7.27
CA THR A 445 14.49 -11.63 -7.52
C THR A 445 14.58 -12.41 -6.21
N GLY A 446 14.40 -11.76 -5.09
CA GLY A 446 14.50 -12.42 -3.82
C GLY A 446 13.65 -13.67 -3.75
N VAL A 447 14.19 -14.70 -3.12
CA VAL A 447 13.40 -15.91 -2.83
C VAL A 447 13.55 -16.18 -1.35
N GLY A 448 12.42 -16.45 -0.71
CA GLY A 448 12.41 -16.89 0.67
C GLY A 448 11.51 -18.11 0.84
N PRO A 449 11.26 -18.51 2.09
CA PRO A 449 10.50 -19.74 2.38
C PRO A 449 9.07 -19.73 1.84
N GLY A 450 8.51 -18.55 1.63
CA GLY A 450 7.11 -18.46 1.25
C GLY A 450 6.88 -18.51 -0.24
N ASN A 451 7.93 -18.35 -1.06
CA ASN A 451 7.73 -18.30 -2.50
C ASN A 451 8.74 -19.14 -3.25
N LEU A 452 9.01 -20.33 -2.76
CA LEU A 452 9.96 -21.21 -3.43
C LEU A 452 9.40 -21.64 -4.79
N PRO A 453 10.19 -21.45 -5.85
CA PRO A 453 9.66 -21.87 -7.17
C PRO A 453 9.53 -23.38 -7.28
N ILE A 454 8.75 -23.83 -8.26
CA ILE A 454 8.67 -25.25 -8.56
C ILE A 454 9.92 -25.66 -9.35
N MET A 455 10.53 -26.78 -8.95
CA MET A 455 11.76 -27.26 -9.58
C MET A 455 11.77 -28.80 -9.68
N THR A 456 12.63 -29.31 -10.54
CA THR A 456 12.93 -30.75 -10.58
C THR A 456 14.43 -30.93 -10.45
N ALA A 457 14.83 -32.11 -9.99
CA ALA A 457 16.22 -32.50 -10.04
C ALA A 457 16.30 -34.00 -9.71
N PRO A 458 17.46 -34.61 -10.02
CA PRO A 458 17.65 -36.02 -9.66
C PRO A 458 17.51 -36.22 -8.17
N ALA A 459 16.90 -37.32 -7.80
CA ALA A 459 16.83 -37.65 -6.40
C ALA A 459 18.23 -37.71 -5.76
N TYR A 460 18.28 -37.26 -4.50
CA TYR A 460 19.43 -37.44 -3.65
C TYR A 460 19.79 -38.92 -3.54
N VAL A 461 21.09 -39.20 -3.53
CA VAL A 461 21.61 -40.59 -3.42
C VAL A 461 22.65 -40.65 -2.30
N PRO A 462 22.39 -41.45 -1.27
CA PRO A 462 23.37 -41.58 -0.18
C PRO A 462 24.68 -42.15 -0.72
N GLY A 463 25.81 -41.65 -0.23
CA GLY A 463 27.13 -42.08 -0.67
C GLY A 463 27.69 -41.26 -1.84
N THR A 464 26.85 -40.51 -2.53
CA THR A 464 27.34 -39.74 -3.63
C THR A 464 27.98 -38.45 -3.10
N THR A 465 29.06 -38.04 -3.76
CA THR A 465 29.77 -36.82 -3.38
C THR A 465 29.34 -35.68 -4.30
N TYR A 466 28.69 -34.69 -3.71
CA TYR A 466 28.13 -33.59 -4.45
C TYR A 466 29.04 -32.35 -4.41
N ALA A 467 29.38 -31.84 -5.59
CA ALA A 467 30.10 -30.56 -5.72
C ALA A 467 29.24 -29.33 -5.33
N GLN A 468 29.93 -28.22 -5.09
CA GLN A 468 29.28 -26.92 -4.95
C GLN A 468 28.29 -26.67 -6.07
N GLY A 469 27.07 -26.33 -5.68
CA GLY A 469 26.07 -25.89 -6.67
C GLY A 469 25.26 -27.04 -7.24
N ALA A 470 25.52 -28.27 -6.78
CA ALA A 470 24.72 -29.43 -7.19
C ALA A 470 23.30 -29.37 -6.65
N LEU A 471 22.38 -29.91 -7.43
CA LEU A 471 20.93 -29.82 -7.18
C LEU A 471 20.37 -31.21 -7.09
N VAL A 472 19.78 -31.55 -5.95
CA VAL A 472 19.11 -32.83 -5.77
C VAL A 472 17.66 -32.65 -5.29
N SER A 473 16.88 -33.73 -5.35
CA SER A 473 15.54 -33.70 -4.82
C SER A 473 15.43 -34.70 -3.69
N TYR A 474 14.71 -34.30 -2.67
CA TYR A 474 14.67 -35.06 -1.44
C TYR A 474 13.50 -34.57 -0.54
N GLN A 475 12.68 -35.50 -0.08
CA GLN A 475 11.61 -35.23 0.89
C GLN A 475 10.79 -33.98 0.58
N GLY A 476 10.37 -33.85 -0.67
CA GLY A 476 9.44 -32.78 -1.05
C GLY A 476 10.07 -31.58 -1.72
N TYR A 477 11.40 -31.45 -1.62
CA TYR A 477 12.07 -30.21 -2.07
C TYR A 477 13.24 -30.41 -2.99
N VAL A 478 13.67 -29.31 -3.58
CA VAL A 478 14.91 -29.30 -4.29
C VAL A 478 15.93 -28.47 -3.53
N TRP A 479 17.08 -29.10 -3.32
CA TRP A 479 18.12 -28.61 -2.44
C TRP A 479 19.40 -28.36 -3.24
N GLN A 480 20.20 -27.39 -2.79
CA GLN A 480 21.44 -27.06 -3.47
C GLN A 480 22.58 -27.04 -2.46
N THR A 481 23.71 -27.67 -2.80
CA THR A 481 24.89 -27.61 -1.92
C THR A 481 25.47 -26.22 -1.92
N LYS A 482 25.90 -25.78 -0.76
CA LYS A 482 26.44 -24.44 -0.61
C LYS A 482 27.96 -24.46 -0.84
N TRP A 483 28.58 -25.59 -0.54
CA TRP A 483 29.98 -25.86 -0.87
C TRP A 483 30.14 -27.34 -1.24
N GLY A 484 31.32 -27.76 -1.67
CA GLY A 484 31.58 -29.19 -1.92
C GLY A 484 32.77 -29.67 -1.11
N TYR A 485 32.91 -30.97 -0.85
CA TYR A 485 32.06 -32.03 -1.38
C TYR A 485 31.19 -32.51 -0.26
N ILE A 486 29.90 -32.67 -0.56
CA ILE A 486 28.91 -32.97 0.47
C ILE A 486 28.35 -34.37 0.25
N THR A 487 28.22 -35.15 1.33
CA THR A 487 27.50 -36.43 1.29
C THR A 487 26.32 -36.54 2.31
N SER A 488 26.06 -35.50 3.09
CA SER A 488 24.97 -35.52 4.10
C SER A 488 23.61 -35.48 3.41
N ALA A 489 22.63 -36.03 4.09
CA ALA A 489 21.25 -35.95 3.58
C ALA A 489 20.72 -34.49 3.61
N PRO A 490 20.05 -34.03 2.55
CA PRO A 490 19.61 -32.65 2.55
C PRO A 490 18.70 -32.32 3.74
N GLY A 491 18.99 -31.21 4.39
CA GLY A 491 18.21 -30.73 5.51
C GLY A 491 18.72 -31.23 6.83
N SER A 492 19.74 -32.10 6.83
CA SER A 492 20.22 -32.70 8.10
C SER A 492 21.37 -31.91 8.71
N ASP A 493 21.92 -30.95 7.98
CA ASP A 493 22.95 -30.06 8.54
C ASP A 493 22.91 -28.74 7.76
N SER A 494 23.98 -27.95 7.80
CA SER A 494 23.96 -26.62 7.20
C SER A 494 24.47 -26.58 5.75
N ALA A 495 24.85 -27.72 5.18
CA ALA A 495 25.52 -27.71 3.88
C ALA A 495 24.54 -27.49 2.73
N TRP A 496 23.26 -27.81 2.96
CA TRP A 496 22.26 -27.78 1.89
C TRP A 496 21.31 -26.60 2.02
N LEU A 497 21.06 -25.93 0.91
CA LEU A 497 20.09 -24.84 0.86
C LEU A 497 18.83 -25.35 0.17
N LYS A 498 17.70 -25.20 0.83
CA LYS A 498 16.41 -25.49 0.20
C LYS A 498 16.12 -24.42 -0.87
N VAL A 499 16.20 -24.75 -2.16
CA VAL A 499 15.95 -23.76 -3.22
C VAL A 499 14.63 -23.92 -4.00
N GLY A 500 13.92 -25.02 -3.81
CA GLY A 500 12.70 -25.20 -4.60
C GLY A 500 11.84 -26.32 -4.08
N ARG A 501 10.64 -26.43 -4.64
CA ARG A 501 9.68 -27.43 -4.18
C ARG A 501 9.22 -28.35 -5.30
N LEU A 502 8.95 -29.61 -4.94
CA LEU A 502 8.52 -30.59 -5.93
C LEU A 502 7.06 -30.31 -6.26
N ALA A 503 6.74 -30.29 -7.55
CA ALA A 503 5.34 -30.26 -8.02
C ALA A 503 4.37 -30.73 -6.94
C19 M6A B . -3.68 5.07 3.66
N5 M6A B . -2.65 5.94 4.18
C18 M6A B . -1.83 6.63 3.38
O5 M6A B . -1.97 6.62 2.14
N4 M6A B . -0.84 7.25 4.05
C17 M6A B . 0.05 8.09 3.48
N3 M6A B . 1.05 8.41 4.18
N2 M6A B . -0.08 8.46 2.20
C16 M6A B . 1.00 9.03 1.39
C15 M6A B . 0.65 10.42 0.84
N1 M6A B . 0.70 11.36 1.95
C14 M6A B . -0.17 12.34 2.18
O4 M6A B . -1.12 12.67 1.47
O3 M6A B . 0.08 12.97 3.45
C3 M6A B . -0.55 14.26 3.59
C4 M6A B . -1.42 14.29 4.85
C29 M6A B . -0.59 13.91 6.09
C2 M6A B . 0.57 15.32 3.66
C28 M6A B . 1.32 15.48 2.34
C1 M6A B . 0.03 16.66 4.01
O1 M6A B . -0.72 17.23 3.25
O2 M6A B . 0.41 17.18 5.31
C13 M6A B . -0.04 18.48 5.68
C26 M6A B . 1.16 19.43 5.79
C27 M6A B . 2.28 19.14 4.81
C12 M6A B . -0.82 18.38 7.01
O10 M6A B . -0.91 19.66 7.63
C33 M6A B . -0.15 17.44 7.99
C11 M6A B . -2.25 17.99 6.65
C10 M6A B . -3.16 17.53 7.80
C32 M6A B . -3.33 18.54 8.94
O9 M6A B . -2.80 19.10 5.97
C23 M6A B . -4.13 18.87 5.45
C24 M6A B . -4.09 18.90 3.91
C25 M6A B . -5.07 19.99 5.93
O8 M6A B . -4.59 17.54 5.83
C9 M6A B . -4.52 17.19 7.19
C8 M6A B . -4.88 15.71 7.25
C31 M6A B . -5.30 15.40 8.69
C7 M6A B . -3.79 14.76 6.71
C6 M6A B . -3.93 14.29 5.23
O7 M6A B . -4.03 15.39 4.31
C30 M6A B . -5.16 13.44 5.09
C5 M6A B . -2.72 13.46 4.75
O6 M6A B . -2.65 12.25 5.53
C20 M6A B . -2.14 11.18 4.74
C21 M6A B . -2.48 9.88 5.29
C22 M6A B . -2.75 8.73 5.80
C1 GOL C . -8.71 15.51 10.63
O1 GOL C . -9.43 16.71 10.31
C2 GOL C . -9.61 14.30 10.90
O2 GOL C . -8.89 13.30 11.62
C3 GOL C . -10.05 13.65 9.58
O3 GOL C . -11.42 13.23 9.61
C1 GOL D . 16.02 -5.42 -6.89
O1 GOL D . 15.94 -4.23 -7.65
C2 GOL D . 16.72 -6.53 -7.66
O2 GOL D . 16.48 -7.78 -7.00
C3 GOL D . 18.20 -6.17 -7.77
O3 GOL D . 18.24 -5.05 -8.66
C1 GOL E . 25.23 -8.51 -1.66
O1 GOL E . 25.26 -7.34 -0.82
C2 GOL E . 23.85 -9.16 -1.57
O2 GOL E . 22.90 -8.47 -2.41
C3 GOL E . 23.44 -9.31 -0.09
O3 GOL E . 22.20 -8.76 0.35
C1 GOL F . -14.61 -10.02 -3.02
O1 GOL F . -13.89 -8.88 -3.50
C2 GOL F . -15.99 -9.52 -2.67
O2 GOL F . -16.47 -8.71 -3.75
C3 GOL F . -16.01 -8.67 -1.38
O3 GOL F . -15.16 -7.51 -1.45
C1 GOL G . -9.70 -14.32 6.49
O1 GOL G . -10.78 -13.49 6.87
C2 GOL G . -9.17 -14.91 7.78
O2 GOL G . -7.84 -15.40 7.53
C3 GOL G . -9.17 -13.83 8.86
O3 GOL G . -8.95 -14.37 10.17
C1 GOL H . -0.59 29.69 -11.47
O1 GOL H . 0.50 29.07 -12.15
C2 GOL H . -0.77 29.11 -10.06
O2 GOL H . 0.44 28.55 -9.49
C3 GOL H . -1.82 28.00 -10.13
O3 GOL H . -3.08 28.53 -10.52
CL CL I . -16.87 -11.26 1.31
#